data_1QSK
#
_entry.id   1QSK
#
_cell.length_a   1.000
_cell.length_b   1.000
_cell.length_c   1.000
_cell.angle_alpha   90.00
_cell.angle_beta   90.00
_cell.angle_gamma   90.00
#
_symmetry.space_group_name_H-M   'P 1'
#
loop_
_entity.id
_entity.type
_entity.pdbx_description
1 polymer "5'-D(GP*CP*AP*TP*CP*GP*AP*AP*AP*AP*AP*GP*CP*TP*AP*CP*GP)-3'"
2 polymer "5'-D(CP*GP*TP*AP*GP*CP*CP*GP*AP*TP*GP*CP)-3'"
#
loop_
_entity_poly.entity_id
_entity_poly.type
_entity_poly.pdbx_seq_one_letter_code
_entity_poly.pdbx_strand_id
1 'polydeoxyribonucleotide' (DG)(DC)(DA)(DT)(DC)(DG)(DA)(DA)(DA)(DA)(DA)(DG)(DC)(DT)(DA)(DC)(DG) A
2 'polydeoxyribonucleotide' (DC)(DG)(DT)(DA)(DG)(DC)(DC)(DG)(DA)(DT)(DG)(DC) B
#
loop_
_chem_comp.id
_chem_comp.type
_chem_comp.name
_chem_comp.formula
DA DNA linking 2'-DEOXYADENOSINE-5'-MONOPHOSPHATE 'C10 H14 N5 O6 P'
DC DNA linking 2'-DEOXYCYTIDINE-5'-MONOPHOSPHATE 'C9 H14 N3 O7 P'
DG DNA linking 2'-DEOXYGUANOSINE-5'-MONOPHOSPHATE 'C10 H14 N5 O7 P'
DT DNA linking THYMIDINE-5'-MONOPHOSPHATE 'C10 H15 N2 O8 P'
#